data_2WAC
#
_entry.id   2WAC
#
_cell.length_a   83.560
_cell.length_b   47.040
_cell.length_c   129.770
_cell.angle_alpha   90.00
_cell.angle_beta   107.32
_cell.angle_gamma   90.00
#
_symmetry.space_group_name_H-M   'C 1 2 1'
#
loop_
_entity.id
_entity.type
_entity.pdbx_description
1 polymer CG7008-PA
2 water water
#
_entity_poly.entity_id   1
_entity_poly.type   'polypeptide(L)'
_entity_poly.pdbx_seq_one_letter_code
;MVNYENVIVTEITETLTFFAQSVESGSKLESLMSKLHADFQSNPPIAGSYTPKRGDLVAAQFTLDNQWYRAKVERVQGSN
ATVLYIDYGNKETLPTNRLAALPPAFSSEKPYATEYALALVALPTDNEDKEEALRAFSEDVLNHKVQLNVELKVTGSPNL
ATLRDPTTKVDFGKQLVAEGLVLAEQRGERKLKELVDQYKAAQEAARVAHLAIWKYGD
;
_entity_poly.pdbx_strand_id   A,B
#
# COMPACT_ATOMS: atom_id res chain seq x y z
N MET A 1 -6.92 11.74 -7.03
CA MET A 1 -8.27 12.29 -7.36
C MET A 1 -8.90 11.53 -8.54
N VAL A 2 -8.31 10.40 -8.90
CA VAL A 2 -8.86 9.50 -9.90
C VAL A 2 -10.15 8.86 -9.36
N ASN A 3 -11.20 8.91 -10.18
CA ASN A 3 -12.50 8.35 -9.84
C ASN A 3 -12.53 6.83 -10.04
N TYR A 4 -12.04 6.10 -9.05
CA TYR A 4 -12.04 4.63 -9.08
C TYR A 4 -13.44 4.06 -8.88
N GLU A 5 -13.73 2.96 -9.55
CA GLU A 5 -14.98 2.23 -9.32
C GLU A 5 -14.70 1.00 -8.46
N ASN A 6 -15.48 0.86 -7.39
CA ASN A 6 -15.37 -0.31 -6.52
C ASN A 6 -16.06 -1.51 -7.16
N VAL A 7 -15.26 -2.49 -7.57
CA VAL A 7 -15.79 -3.68 -8.25
C VAL A 7 -15.39 -4.98 -7.57
N ILE A 8 -16.02 -6.07 -8.00
CA ILE A 8 -15.61 -7.43 -7.67
C ILE A 8 -15.34 -8.17 -8.97
N VAL A 9 -14.17 -8.78 -9.09
CA VAL A 9 -13.81 -9.53 -10.30
C VAL A 9 -14.43 -10.94 -10.23
N THR A 10 -15.27 -11.25 -11.20
CA THR A 10 -16.08 -12.47 -11.16
C THR A 10 -15.63 -13.56 -12.14
N GLU A 11 -14.92 -13.17 -13.20
CA GLU A 11 -14.42 -14.11 -14.19
C GLU A 11 -13.14 -13.61 -14.83
N ILE A 12 -12.17 -14.52 -15.01
CA ILE A 12 -10.94 -14.22 -15.73
C ILE A 12 -10.77 -15.20 -16.90
N THR A 13 -10.44 -14.66 -18.07
CA THR A 13 -10.25 -15.48 -19.28
C THR A 13 -8.78 -15.77 -19.51
N GLU A 14 -8.50 -16.61 -20.52
CA GLU A 14 -7.15 -17.05 -20.83
C GLU A 14 -6.24 -16.00 -21.50
N THR A 15 -6.83 -14.85 -21.86
CA THR A 15 -6.08 -13.76 -22.49
C THR A 15 -5.93 -12.55 -21.55
N LEU A 16 -6.21 -12.80 -20.26
CA LEU A 16 -6.18 -11.77 -19.22
C LEU A 16 -7.19 -10.63 -19.42
N THR A 17 -8.30 -10.93 -20.06
CA THR A 17 -9.49 -10.09 -19.92
C THR A 17 -10.21 -10.59 -18.67
N PHE A 18 -11.06 -9.75 -18.10
CA PHE A 18 -11.79 -10.12 -16.90
C PHE A 18 -13.17 -9.47 -16.88
N PHE A 19 -14.10 -10.10 -16.18
CA PHE A 19 -15.41 -9.53 -15.95
C PHE A 19 -15.50 -9.02 -14.52
N ALA A 20 -16.08 -7.84 -14.36
CA ALA A 20 -16.25 -7.24 -13.04
C ALA A 20 -17.69 -6.80 -12.80
N GLN A 21 -18.15 -7.00 -11.57
CA GLN A 21 -19.45 -6.47 -11.12
C GLN A 21 -19.22 -5.21 -10.29
N SER A 22 -20.12 -4.24 -10.42
CA SER A 22 -20.12 -3.07 -9.56
C SER A 22 -20.61 -3.44 -8.15
N VAL A 23 -19.89 -2.99 -7.13
CA VAL A 23 -20.25 -3.31 -5.74
C VAL A 23 -21.61 -2.73 -5.33
N GLU A 24 -21.94 -1.54 -5.82
CA GLU A 24 -23.22 -0.90 -5.49
C GLU A 24 -24.42 -1.45 -6.27
N SER A 25 -24.16 -2.38 -7.20
CA SER A 25 -25.22 -3.06 -7.94
C SER A 25 -25.45 -4.49 -7.40
N GLY A 26 -24.76 -4.83 -6.32
CA GLY A 26 -24.85 -6.16 -5.71
C GLY A 26 -26.25 -6.57 -5.28
N SER A 27 -26.97 -5.64 -4.65
CA SER A 27 -28.34 -5.88 -4.21
C SER A 27 -29.32 -6.01 -5.37
N LYS A 28 -29.05 -5.28 -6.46
CA LYS A 28 -29.86 -5.34 -7.68
C LYS A 28 -29.85 -6.75 -8.31
N LEU A 29 -28.67 -7.33 -8.43
CA LEU A 29 -28.51 -8.68 -8.98
C LEU A 29 -29.09 -9.74 -8.05
N GLU A 30 -28.82 -9.61 -6.76
CA GLU A 30 -29.33 -10.49 -5.72
C GLU A 30 -30.86 -10.62 -5.80
N SER A 31 -31.53 -9.47 -5.96
CA SER A 31 -32.98 -9.42 -6.08
C SER A 31 -33.49 -10.07 -7.37
N LEU A 32 -32.81 -9.79 -8.49
CA LEU A 32 -33.14 -10.37 -9.79
C LEU A 32 -33.05 -11.89 -9.78
N MET A 33 -31.95 -12.41 -9.22
CA MET A 33 -31.70 -13.85 -9.16
C MET A 33 -32.71 -14.58 -8.28
N SER A 34 -33.19 -13.90 -7.25
CA SER A 34 -34.21 -14.46 -6.34
C SER A 34 -35.58 -14.51 -6.99
N LYS A 35 -35.90 -13.49 -7.79
CA LYS A 35 -37.18 -13.44 -8.51
C LYS A 35 -37.21 -14.41 -9.68
N LEU A 36 -36.07 -14.56 -10.35
CA LEU A 36 -35.91 -15.50 -11.46
C LEU A 36 -36.03 -16.95 -10.98
N HIS A 37 -35.37 -17.27 -9.87
CA HIS A 37 -35.47 -18.59 -9.25
C HIS A 37 -36.92 -18.95 -8.92
N ALA A 38 -37.63 -18.02 -8.29
CA ALA A 38 -39.03 -18.23 -7.89
C ALA A 38 -39.97 -18.37 -9.09
N ASP A 39 -39.74 -17.53 -10.10
CA ASP A 39 -40.50 -17.54 -11.36
C ASP A 39 -40.42 -18.91 -12.05
N PHE A 40 -39.20 -19.42 -12.17
CA PHE A 40 -38.93 -20.67 -12.90
C PHE A 40 -39.18 -21.93 -12.07
N GLN A 41 -39.40 -21.75 -10.76
CA GLN A 41 -39.83 -22.83 -9.89
C GLN A 41 -41.36 -22.93 -9.91
N SER A 42 -42.01 -21.77 -9.94
CA SER A 42 -43.47 -21.68 -10.01
C SER A 42 -44.00 -22.11 -11.38
N ASN A 43 -43.30 -21.72 -12.44
CA ASN A 43 -43.66 -22.09 -13.80
C ASN A 43 -42.43 -22.60 -14.58
N PRO A 44 -42.04 -23.87 -14.34
CA PRO A 44 -40.86 -24.42 -15.00
C PRO A 44 -41.12 -24.62 -16.50
N PRO A 45 -40.16 -24.23 -17.35
CA PRO A 45 -40.38 -24.31 -18.80
C PRO A 45 -40.33 -25.75 -19.32
N ILE A 46 -40.88 -25.96 -20.51
CA ILE A 46 -40.88 -27.27 -21.15
C ILE A 46 -39.60 -27.45 -21.96
N ALA A 47 -38.81 -28.45 -21.58
CA ALA A 47 -37.53 -28.73 -22.24
C ALA A 47 -37.71 -29.11 -23.71
N GLY A 48 -36.95 -28.44 -24.58
CA GLY A 48 -36.96 -28.74 -26.02
C GLY A 48 -37.95 -27.94 -26.84
N SER A 49 -38.74 -27.09 -26.18
CA SER A 49 -39.75 -26.27 -26.86
C SER A 49 -39.19 -24.95 -27.37
N TYR A 50 -37.96 -24.63 -26.97
CA TYR A 50 -37.28 -23.40 -27.39
C TYR A 50 -35.99 -23.72 -28.15
N THR A 51 -35.79 -23.05 -29.27
CA THR A 51 -34.50 -23.04 -29.97
C THR A 51 -34.15 -21.58 -30.29
N PRO A 52 -32.89 -21.18 -30.05
CA PRO A 52 -32.51 -19.79 -30.19
C PRO A 52 -31.93 -19.41 -31.56
N LYS A 53 -31.96 -18.12 -31.86
CA LYS A 53 -31.14 -17.54 -32.92
C LYS A 53 -29.90 -16.97 -32.24
N ARG A 54 -28.79 -16.88 -32.97
CA ARG A 54 -27.61 -16.18 -32.47
C ARG A 54 -27.95 -14.75 -32.04
N GLY A 55 -27.61 -14.41 -30.80
CA GLY A 55 -27.89 -13.07 -30.29
C GLY A 55 -29.04 -12.96 -29.29
N ASP A 56 -29.88 -14.01 -29.24
CA ASP A 56 -31.03 -14.04 -28.34
C ASP A 56 -30.63 -13.91 -26.87
N LEU A 57 -31.39 -13.12 -26.12
CA LEU A 57 -31.25 -13.07 -24.66
C LEU A 57 -32.21 -14.09 -24.05
N VAL A 58 -31.66 -15.03 -23.29
CA VAL A 58 -32.44 -16.18 -22.80
C VAL A 58 -32.28 -16.42 -21.30
N ALA A 59 -33.07 -17.36 -20.79
CA ALA A 59 -32.80 -17.97 -19.50
C ALA A 59 -32.12 -19.31 -19.78
N ALA A 60 -30.99 -19.54 -19.13
CA ALA A 60 -30.22 -20.76 -19.32
C ALA A 60 -30.01 -21.47 -17.99
N GLN A 61 -30.29 -22.78 -17.99
CA GLN A 61 -30.08 -23.62 -16.81
C GLN A 61 -28.62 -24.11 -16.78
N PHE A 62 -27.82 -23.45 -15.96
CA PHE A 62 -26.39 -23.74 -15.77
C PHE A 62 -26.19 -25.22 -15.43
N THR A 63 -25.26 -25.87 -16.14
CA THR A 63 -25.04 -27.31 -15.95
C THR A 63 -24.43 -27.65 -14.58
N LEU A 64 -23.81 -26.66 -13.95
CA LEU A 64 -23.17 -26.87 -12.64
C LEU A 64 -24.16 -27.06 -11.50
N ASP A 65 -25.15 -26.17 -11.41
CA ASP A 65 -26.05 -26.13 -10.25
C ASP A 65 -27.53 -26.37 -10.57
N ASN A 66 -27.84 -26.50 -11.86
CA ASN A 66 -29.22 -26.60 -12.37
C ASN A 66 -30.11 -25.40 -12.04
N GLN A 67 -29.49 -24.24 -11.81
CA GLN A 67 -30.24 -23.01 -11.59
C GLN A 67 -30.30 -22.18 -12.86
N TRP A 68 -31.32 -21.32 -12.96
CA TRP A 68 -31.55 -20.51 -14.15
C TRP A 68 -30.88 -19.14 -14.05
N TYR A 69 -30.16 -18.75 -15.10
CA TYR A 69 -29.44 -17.48 -15.17
C TYR A 69 -29.78 -16.73 -16.46
N ARG A 70 -29.57 -15.41 -16.47
CA ARG A 70 -29.68 -14.62 -17.70
C ARG A 70 -28.48 -14.94 -18.60
N ALA A 71 -28.74 -15.14 -19.89
CA ALA A 71 -27.67 -15.53 -20.81
C ALA A 71 -27.88 -14.98 -22.21
N LYS A 72 -26.77 -14.70 -22.89
CA LYS A 72 -26.79 -14.28 -24.28
C LYS A 72 -26.33 -15.45 -25.15
N VAL A 73 -27.12 -15.78 -26.17
CA VAL A 73 -26.73 -16.82 -27.12
C VAL A 73 -25.73 -16.23 -28.11
N GLU A 74 -24.51 -16.75 -28.10
CA GLU A 74 -23.45 -16.25 -28.98
C GLU A 74 -23.30 -17.05 -30.26
N ARG A 75 -23.55 -18.36 -30.18
CA ARG A 75 -23.52 -19.24 -31.35
C ARG A 75 -24.51 -20.39 -31.15
N VAL A 76 -25.23 -20.74 -32.20
CA VAL A 76 -26.08 -21.94 -32.18
C VAL A 76 -25.58 -22.92 -33.23
N GLN A 77 -25.47 -24.19 -32.84
CA GLN A 77 -25.03 -25.25 -33.75
C GLN A 77 -25.83 -26.52 -33.52
N GLY A 78 -26.88 -26.71 -34.31
CA GLY A 78 -27.78 -27.85 -34.17
C GLY A 78 -28.48 -27.89 -32.82
N SER A 79 -28.24 -28.97 -32.08
CA SER A 79 -28.92 -29.21 -30.79
C SER A 79 -28.31 -28.46 -29.60
N ASN A 80 -27.21 -27.75 -29.85
CA ASN A 80 -26.46 -27.09 -28.80
C ASN A 80 -26.25 -25.59 -29.07
N ALA A 81 -25.99 -24.83 -28.01
CA ALA A 81 -25.66 -23.41 -28.16
C ALA A 81 -24.53 -23.01 -27.23
N THR A 82 -23.76 -22.01 -27.65
CA THR A 82 -22.76 -21.38 -26.79
C THR A 82 -23.35 -20.11 -26.21
N VAL A 83 -23.39 -20.05 -24.88
CA VAL A 83 -23.98 -18.91 -24.18
C VAL A 83 -22.99 -18.20 -23.25
N LEU A 84 -23.22 -16.91 -23.04
CA LEU A 84 -22.48 -16.12 -22.06
C LEU A 84 -23.43 -15.77 -20.92
N TYR A 85 -23.01 -16.10 -19.69
CA TYR A 85 -23.79 -15.72 -18.51
C TYR A 85 -23.51 -14.26 -18.16
N ILE A 86 -24.41 -13.39 -18.62
CA ILE A 86 -24.17 -11.94 -18.69
C ILE A 86 -23.97 -11.21 -17.37
N ASP A 87 -24.40 -11.83 -16.28
CA ASP A 87 -24.29 -11.20 -14.97
C ASP A 87 -23.04 -11.66 -14.19
N TYR A 88 -22.28 -12.58 -14.80
CA TYR A 88 -21.10 -13.18 -14.15
C TYR A 88 -19.85 -13.21 -15.03
N GLY A 89 -20.02 -13.57 -16.30
CA GLY A 89 -18.91 -13.54 -17.25
C GLY A 89 -18.44 -14.87 -17.81
N ASN A 90 -18.85 -15.98 -17.19
CA ASN A 90 -18.49 -17.29 -17.71
C ASN A 90 -19.33 -17.68 -18.93
N LYS A 91 -18.76 -18.55 -19.76
CA LYS A 91 -19.42 -19.08 -20.95
C LYS A 91 -19.46 -20.59 -20.88
N GLU A 92 -20.45 -21.20 -21.53
CA GLU A 92 -20.43 -22.65 -21.76
C GLU A 92 -21.23 -23.05 -23.01
N THR A 93 -20.90 -24.23 -23.54
CA THR A 93 -21.68 -24.85 -24.61
C THR A 93 -22.64 -25.88 -24.00
N LEU A 94 -23.89 -25.80 -24.44
CA LEU A 94 -25.04 -26.33 -23.72
C LEU A 94 -26.13 -26.82 -24.68
N PRO A 95 -26.79 -27.97 -24.38
CA PRO A 95 -27.97 -28.29 -25.19
C PRO A 95 -29.04 -27.20 -25.15
N THR A 96 -29.69 -26.96 -26.29
CA THR A 96 -30.73 -25.93 -26.41
C THR A 96 -31.99 -26.25 -25.61
N ASN A 97 -32.18 -27.51 -25.24
CA ASN A 97 -33.29 -27.88 -24.36
C ASN A 97 -33.15 -27.39 -22.91
N ARG A 98 -31.98 -26.80 -22.61
CA ARG A 98 -31.76 -26.14 -21.32
C ARG A 98 -31.85 -24.62 -21.44
N LEU A 99 -32.42 -24.17 -22.56
CA LEU A 99 -32.67 -22.75 -22.79
C LEU A 99 -34.17 -22.49 -22.84
N ALA A 100 -34.58 -21.35 -22.32
CA ALA A 100 -35.97 -20.91 -22.37
C ALA A 100 -36.04 -19.43 -22.70
N ALA A 101 -37.20 -18.97 -23.15
CA ALA A 101 -37.43 -17.55 -23.36
C ALA A 101 -37.35 -16.84 -22.01
N LEU A 102 -36.56 -15.77 -21.96
CA LEU A 102 -36.47 -14.94 -20.78
C LEU A 102 -37.68 -13.99 -20.75
N PRO A 103 -38.43 -13.99 -19.64
CA PRO A 103 -39.60 -13.12 -19.54
C PRO A 103 -39.17 -11.65 -19.60
N PRO A 104 -39.82 -10.86 -20.47
CA PRO A 104 -39.53 -9.44 -20.68
C PRO A 104 -39.24 -8.64 -19.40
N ALA A 105 -39.76 -9.08 -18.26
CA ALA A 105 -39.49 -8.45 -16.96
C ALA A 105 -38.02 -8.51 -16.53
N PHE A 106 -37.31 -9.54 -16.99
CA PHE A 106 -35.90 -9.76 -16.62
C PHE A 106 -34.93 -9.31 -17.71
N SER A 107 -35.45 -8.76 -18.81
CA SER A 107 -34.64 -8.48 -19.99
C SER A 107 -34.19 -7.04 -20.15
N SER A 108 -34.74 -6.14 -19.31
CA SER A 108 -34.49 -4.70 -19.46
C SER A 108 -33.25 -4.20 -18.73
N GLU A 109 -32.97 -4.78 -17.56
CA GLU A 109 -31.76 -4.46 -16.83
C GLU A 109 -30.52 -4.84 -17.61
N LYS A 110 -29.55 -3.92 -17.64
CA LYS A 110 -28.28 -4.11 -18.34
C LYS A 110 -27.50 -5.23 -17.66
N PRO A 111 -26.59 -5.89 -18.40
CA PRO A 111 -25.76 -6.93 -17.79
C PRO A 111 -25.03 -6.46 -16.53
N TYR A 112 -25.04 -7.28 -15.48
CA TYR A 112 -24.41 -6.91 -14.22
C TYR A 112 -22.90 -7.16 -14.16
N ALA A 113 -22.36 -7.77 -15.21
CA ALA A 113 -20.91 -7.92 -15.37
C ALA A 113 -20.43 -7.27 -16.66
N THR A 114 -19.25 -6.66 -16.62
CA THR A 114 -18.66 -5.98 -17.77
C THR A 114 -17.25 -6.49 -18.01
N GLU A 115 -16.92 -6.79 -19.27
CA GLU A 115 -15.59 -7.27 -19.63
C GLU A 115 -14.61 -6.12 -19.85
N TYR A 116 -13.38 -6.31 -19.37
CA TYR A 116 -12.29 -5.36 -19.55
C TYR A 116 -11.02 -6.09 -19.94
N ALA A 117 -10.11 -5.38 -20.61
CA ALA A 117 -8.76 -5.89 -20.83
C ALA A 117 -7.85 -5.34 -19.73
N LEU A 118 -7.03 -6.20 -19.14
CA LEU A 118 -6.07 -5.75 -18.14
C LEU A 118 -5.03 -4.88 -18.85
N ALA A 119 -4.97 -3.61 -18.45
CA ALA A 119 -4.23 -2.58 -19.18
C ALA A 119 -2.74 -2.87 -19.32
N LEU A 120 -2.28 -2.85 -20.58
CA LEU A 120 -0.85 -2.90 -20.93
C LEU A 120 -0.09 -4.18 -20.57
N VAL A 121 -0.83 -5.26 -20.36
CA VAL A 121 -0.24 -6.55 -20.00
C VAL A 121 -0.29 -7.51 -21.18
N ALA A 122 0.86 -8.10 -21.51
CA ALA A 122 0.93 -9.14 -22.53
C ALA A 122 1.40 -10.45 -21.89
N LEU A 123 0.72 -11.55 -22.22
CA LEU A 123 1.12 -12.88 -21.74
C LEU A 123 2.49 -13.28 -22.25
N PRO A 124 3.26 -14.05 -21.46
CA PRO A 124 4.60 -14.50 -21.87
C PRO A 124 4.59 -15.51 -23.02
N THR A 125 5.75 -15.77 -23.60
CA THR A 125 5.87 -16.66 -24.77
C THR A 125 5.63 -18.15 -24.46
N ASP A 126 6.19 -18.61 -23.34
CA ASP A 126 6.05 -20.01 -22.92
C ASP A 126 4.63 -20.34 -22.48
N ASN A 127 4.18 -21.55 -22.79
CA ASN A 127 2.86 -22.05 -22.35
C ASN A 127 2.71 -22.20 -20.83
N GLU A 128 3.75 -22.72 -20.17
CA GLU A 128 3.69 -22.91 -18.72
C GLU A 128 3.81 -21.59 -17.95
N ASP A 129 4.53 -20.63 -18.55
CA ASP A 129 4.60 -19.28 -18.02
C ASP A 129 3.24 -18.58 -18.14
N LYS A 130 2.52 -18.86 -19.23
CA LYS A 130 1.15 -18.37 -19.43
C LYS A 130 0.22 -18.79 -18.29
N GLU A 131 0.25 -20.10 -17.98
CA GLU A 131 -0.59 -20.68 -16.93
C GLU A 131 -0.34 -20.02 -15.56
N GLU A 132 0.93 -19.87 -15.23
CA GLU A 132 1.33 -19.26 -13.96
C GLU A 132 0.86 -17.82 -13.85
N ALA A 133 0.93 -17.08 -14.95
CA ALA A 133 0.45 -15.69 -15.00
C ALA A 133 -1.04 -15.61 -14.68
N LEU A 134 -1.82 -16.52 -15.27
CA LEU A 134 -3.26 -16.57 -15.06
C LEU A 134 -3.62 -17.04 -13.64
N ARG A 135 -2.83 -17.98 -13.12
CA ARG A 135 -2.97 -18.46 -11.75
C ARG A 135 -2.69 -17.34 -10.74
N ALA A 136 -1.61 -16.60 -10.98
CA ALA A 136 -1.19 -15.51 -10.11
C ALA A 136 -2.19 -14.36 -10.07
N PHE A 137 -2.76 -14.02 -11.22
CA PHE A 137 -3.71 -12.92 -11.32
C PHE A 137 -5.06 -13.26 -10.69
N SER A 138 -5.48 -14.52 -10.85
CA SER A 138 -6.71 -15.02 -10.25
C SER A 138 -6.63 -15.05 -8.71
N GLU A 139 -5.46 -15.44 -8.19
CA GLU A 139 -5.22 -15.43 -6.75
C GLU A 139 -5.26 -14.01 -6.20
N ASP A 140 -4.79 -13.05 -6.99
CA ASP A 140 -4.80 -11.64 -6.64
C ASP A 140 -6.21 -11.04 -6.53
N VAL A 141 -7.04 -11.28 -7.54
CA VAL A 141 -8.28 -10.51 -7.69
C VAL A 141 -9.61 -11.27 -7.71
N LEU A 142 -9.60 -12.55 -8.09
CA LEU A 142 -10.86 -13.28 -8.27
C LEU A 142 -11.70 -13.32 -6.99
N ASN A 143 -12.94 -12.83 -7.11
CA ASN A 143 -13.90 -12.71 -6.00
C ASN A 143 -13.58 -11.62 -4.98
N HIS A 144 -12.60 -10.79 -5.29
CA HIS A 144 -12.17 -9.73 -4.39
C HIS A 144 -12.71 -8.37 -4.77
N LYS A 145 -12.93 -7.53 -3.76
CA LYS A 145 -13.23 -6.12 -3.97
C LYS A 145 -11.95 -5.37 -4.32
N VAL A 146 -11.94 -4.76 -5.50
CA VAL A 146 -10.79 -3.98 -5.97
C VAL A 146 -11.26 -2.65 -6.56
N GLN A 147 -10.32 -1.73 -6.78
CA GLN A 147 -10.63 -0.46 -7.41
C GLN A 147 -10.26 -0.50 -8.89
N LEU A 148 -11.23 -0.22 -9.76
CA LEU A 148 -11.04 -0.26 -11.21
C LEU A 148 -10.99 1.14 -11.79
N ASN A 149 -10.03 1.37 -12.69
CA ASN A 149 -9.98 2.59 -13.48
C ASN A 149 -9.89 2.25 -14.97
N VAL A 150 -10.80 2.84 -15.75
CA VAL A 150 -10.77 2.67 -17.21
C VAL A 150 -9.69 3.60 -17.78
N GLU A 151 -8.70 3.01 -18.44
CA GLU A 151 -7.55 3.76 -18.96
C GLU A 151 -7.76 4.20 -20.42
N LEU A 152 -8.43 3.36 -21.20
CA LEU A 152 -8.71 3.67 -22.60
C LEU A 152 -9.97 2.96 -23.06
N LYS A 153 -10.87 3.74 -23.67
CA LYS A 153 -12.04 3.17 -24.34
C LYS A 153 -11.60 2.60 -25.70
N VAL A 154 -12.07 1.40 -26.00
CA VAL A 154 -11.80 0.74 -27.28
C VAL A 154 -13.11 0.43 -27.95
N THR A 155 -13.26 0.88 -29.20
CA THR A 155 -14.49 0.64 -29.95
C THR A 155 -14.59 -0.83 -30.38
N GLY A 156 -15.68 -1.47 -29.97
CA GLY A 156 -16.00 -2.83 -30.42
C GLY A 156 -15.36 -3.97 -29.65
N SER A 157 -14.60 -3.64 -28.61
CA SER A 157 -13.99 -4.66 -27.74
C SER A 157 -13.82 -4.12 -26.30
N PRO A 158 -13.47 -4.99 -25.34
CA PRO A 158 -13.33 -4.57 -23.94
C PRO A 158 -12.36 -3.40 -23.73
N ASN A 159 -12.77 -2.42 -22.94
CA ASN A 159 -11.94 -1.26 -22.61
C ASN A 159 -10.75 -1.65 -21.73
N LEU A 160 -9.65 -0.90 -21.86
CA LEU A 160 -8.47 -1.11 -21.03
C LEU A 160 -8.69 -0.58 -19.61
N ALA A 161 -8.40 -1.41 -18.62
CA ALA A 161 -8.60 -1.04 -17.22
C ALA A 161 -7.47 -1.49 -16.32
N THR A 162 -7.12 -0.66 -15.34
CA THR A 162 -6.22 -1.09 -14.26
C THR A 162 -7.05 -1.54 -13.06
N LEU A 163 -6.47 -2.41 -12.25
CA LEU A 163 -7.08 -2.86 -11.00
C LEU A 163 -6.12 -2.59 -9.84
N ARG A 164 -6.68 -2.07 -8.75
CA ARG A 164 -5.89 -1.62 -7.61
C ARG A 164 -6.43 -2.21 -6.31
N ASP A 165 -5.52 -2.57 -5.40
CA ASP A 165 -5.93 -2.97 -4.05
C ASP A 165 -6.37 -1.73 -3.27
N PRO A 166 -7.57 -1.80 -2.64
CA PRO A 166 -8.11 -0.64 -1.94
C PRO A 166 -7.28 -0.20 -0.74
N THR A 167 -6.52 -1.13 -0.14
CA THR A 167 -5.75 -0.83 1.07
C THR A 167 -4.32 -0.37 0.77
N THR A 168 -3.60 -1.14 -0.05
CA THR A 168 -2.19 -0.86 -0.34
C THR A 168 -2.01 0.07 -1.53
N LYS A 169 -3.04 0.14 -2.37
CA LYS A 169 -3.03 0.90 -3.63
C LYS A 169 -2.07 0.32 -4.68
N VAL A 170 -1.69 -0.95 -4.52
CA VAL A 170 -0.86 -1.65 -5.51
C VAL A 170 -1.67 -1.95 -6.78
N ASP A 171 -1.12 -1.52 -7.91
CA ASP A 171 -1.62 -1.85 -9.24
C ASP A 171 -1.31 -3.33 -9.52
N PHE A 172 -2.36 -4.15 -9.60
CA PHE A 172 -2.20 -5.60 -9.74
C PHE A 172 -1.53 -6.05 -11.06
N GLY A 173 -1.92 -5.42 -12.17
CA GLY A 173 -1.30 -5.70 -13.47
C GLY A 173 0.18 -5.36 -13.52
N LYS A 174 0.54 -4.22 -12.94
CA LYS A 174 1.94 -3.78 -12.87
C LYS A 174 2.77 -4.72 -11.99
N GLN A 175 2.16 -5.20 -10.89
CA GLN A 175 2.82 -6.15 -10.00
C GLN A 175 3.17 -7.45 -10.73
N LEU A 176 2.28 -7.89 -11.62
CA LEU A 176 2.56 -9.05 -12.47
C LEU A 176 3.79 -8.83 -13.35
N VAL A 177 3.92 -7.61 -13.86
CA VAL A 177 5.10 -7.20 -14.64
C VAL A 177 6.36 -7.19 -13.76
N ALA A 178 6.29 -6.53 -12.60
CA ALA A 178 7.42 -6.43 -11.67
C ALA A 178 7.90 -7.78 -11.14
N GLU A 179 6.97 -8.74 -11.05
CA GLU A 179 7.30 -10.11 -10.64
C GLU A 179 7.83 -10.98 -11.78
N GLY A 180 7.86 -10.41 -12.98
CA GLY A 180 8.40 -11.10 -14.17
C GLY A 180 7.52 -12.23 -14.68
N LEU A 181 6.21 -12.08 -14.51
CA LEU A 181 5.25 -13.10 -14.92
C LEU A 181 4.60 -12.80 -16.27
N VAL A 182 4.54 -11.51 -16.61
CA VAL A 182 4.00 -11.06 -17.89
C VAL A 182 4.89 -10.00 -18.53
N LEU A 183 4.60 -9.67 -19.79
CA LEU A 183 5.30 -8.62 -20.51
C LEU A 183 4.52 -7.31 -20.44
N ALA A 184 5.27 -6.21 -20.48
CA ALA A 184 4.67 -4.88 -20.58
C ALA A 184 4.40 -4.56 -22.04
N GLU A 185 3.25 -3.95 -22.31
CA GLU A 185 2.87 -3.60 -23.67
C GLU A 185 3.28 -2.16 -24.00
N GLN A 186 3.93 -2.00 -25.15
CA GLN A 186 4.28 -0.69 -25.68
C GLN A 186 3.22 -0.26 -26.68
N ARG A 187 2.59 0.89 -26.43
CA ARG A 187 1.66 1.52 -27.38
C ARG A 187 1.71 3.04 -27.32
N GLY A 188 1.13 3.70 -28.33
CA GLY A 188 1.40 5.10 -28.61
C GLY A 188 0.47 6.19 -28.10
N GLU A 189 -0.70 5.82 -27.56
CA GLU A 189 -1.62 6.84 -27.01
C GLU A 189 -0.87 7.71 -26.01
N ARG A 190 -0.80 9.01 -26.29
CA ARG A 190 -0.10 9.96 -25.42
C ARG A 190 -0.65 9.96 -23.98
N LYS A 191 -1.97 9.86 -23.84
CA LYS A 191 -2.59 9.78 -22.51
C LYS A 191 -2.17 8.53 -21.72
N LEU A 192 -1.61 7.54 -22.42
CA LEU A 192 -1.12 6.31 -21.79
C LEU A 192 0.41 6.28 -21.59
N LYS A 193 1.09 7.37 -21.96
CA LYS A 193 2.56 7.42 -21.96
C LYS A 193 3.18 7.17 -20.59
N GLU A 194 2.68 7.85 -19.56
CA GLU A 194 3.18 7.72 -18.20
C GLU A 194 3.07 6.27 -17.71
N LEU A 195 1.90 5.67 -17.92
CA LEU A 195 1.63 4.29 -17.54
C LEU A 195 2.47 3.29 -18.36
N VAL A 196 2.62 3.56 -19.66
CA VAL A 196 3.47 2.74 -20.53
C VAL A 196 4.92 2.75 -20.06
N ASP A 197 5.45 3.94 -19.77
CA ASP A 197 6.81 4.10 -19.27
C ASP A 197 7.02 3.39 -17.93
N GLN A 198 6.05 3.54 -17.02
CA GLN A 198 6.13 2.92 -15.71
C GLN A 198 6.14 1.37 -15.78
N TYR A 199 5.28 0.81 -16.61
CA TYR A 199 5.24 -0.64 -16.85
C TYR A 199 6.52 -1.16 -17.50
N LYS A 200 7.09 -0.37 -18.40
CA LYS A 200 8.38 -0.68 -19.02
C LYS A 200 9.52 -0.77 -18.00
N ALA A 201 9.57 0.19 -17.09
CA ALA A 201 10.55 0.21 -16.01
C ALA A 201 10.41 -0.98 -15.07
N ALA A 202 9.17 -1.36 -14.78
CA ALA A 202 8.87 -2.55 -13.96
C ALA A 202 9.39 -3.82 -14.64
N GLN A 203 9.16 -3.95 -15.95
CA GLN A 203 9.68 -5.07 -16.73
C GLN A 203 11.20 -5.13 -16.67
N GLU A 204 11.82 -3.96 -16.80
CA GLU A 204 13.28 -3.82 -16.71
C GLU A 204 13.85 -4.24 -15.37
N ALA A 205 13.15 -3.88 -14.29
CA ALA A 205 13.56 -4.25 -12.94
C ALA A 205 13.51 -5.76 -12.74
N ALA A 206 12.45 -6.39 -13.25
CA ALA A 206 12.29 -7.85 -13.21
C ALA A 206 13.37 -8.54 -14.03
N ARG A 207 13.76 -7.92 -15.15
CA ARG A 207 14.84 -8.42 -16.00
C ARG A 207 16.19 -8.40 -15.26
N VAL A 208 16.51 -7.25 -14.66
CA VAL A 208 17.76 -7.08 -13.92
C VAL A 208 17.82 -8.06 -12.73
N ALA A 209 16.67 -8.27 -12.08
CA ALA A 209 16.58 -9.18 -10.94
C ALA A 209 16.48 -10.66 -11.32
N HIS A 210 16.42 -10.93 -12.63
CA HIS A 210 16.31 -12.31 -13.17
C HIS A 210 15.11 -13.06 -12.61
N LEU A 211 13.95 -12.40 -12.59
CA LEU A 211 12.73 -13.00 -12.04
C LEU A 211 11.92 -13.77 -13.06
N ALA A 212 11.49 -14.97 -12.65
CA ALA A 212 10.57 -15.82 -13.41
C ALA A 212 10.94 -16.03 -14.87
N ILE A 213 10.23 -15.37 -15.79
CA ILE A 213 10.48 -15.53 -17.23
C ILE A 213 11.84 -14.97 -17.65
N TRP A 214 12.42 -14.11 -16.80
CA TRP A 214 13.73 -13.50 -17.07
C TRP A 214 14.87 -14.25 -16.38
N LYS A 215 14.62 -15.49 -15.94
CA LYS A 215 15.60 -16.27 -15.20
C LYS A 215 16.94 -16.44 -15.94
N TYR A 216 16.87 -16.75 -17.23
CA TYR A 216 18.08 -17.06 -18.01
C TYR A 216 18.52 -15.98 -19.01
N GLY A 217 18.06 -14.74 -18.80
CA GLY A 217 18.48 -13.59 -19.61
C GLY A 217 18.73 -13.89 -21.08
N MET B 1 27.80 -7.45 8.36
CA MET B 1 26.53 -7.11 7.73
C MET B 1 25.54 -6.56 8.75
N VAL B 2 25.83 -6.78 10.03
CA VAL B 2 25.04 -6.20 11.12
C VAL B 2 25.87 -5.45 12.16
N ASN B 3 25.30 -4.35 12.65
CA ASN B 3 25.86 -3.62 13.78
C ASN B 3 24.76 -3.13 14.71
N TYR B 4 24.39 -3.97 15.68
CA TYR B 4 23.36 -3.59 16.65
C TYR B 4 23.93 -2.59 17.64
N GLU B 5 23.33 -1.41 17.66
CA GLU B 5 23.73 -0.33 18.55
C GLU B 5 22.65 -0.18 19.63
N ASN B 6 23.09 -0.12 20.89
CA ASN B 6 22.17 0.10 22.00
C ASN B 6 21.78 1.57 22.07
N VAL B 7 20.51 1.86 21.82
CA VAL B 7 20.02 3.23 21.78
C VAL B 7 18.80 3.45 22.67
N ILE B 8 18.47 4.71 22.92
CA ILE B 8 17.20 5.08 23.55
C ILE B 8 16.45 5.99 22.59
N VAL B 9 15.22 5.59 22.24
CA VAL B 9 14.38 6.41 21.36
C VAL B 9 13.80 7.57 22.17
N THR B 10 14.16 8.79 21.77
CA THR B 10 13.85 9.99 22.56
C THR B 10 12.78 10.91 21.96
N GLU B 11 12.46 10.68 20.68
CA GLU B 11 11.40 11.43 20.00
C GLU B 11 10.88 10.65 18.79
N ILE B 12 9.57 10.69 18.59
CA ILE B 12 8.95 10.09 17.40
C ILE B 12 8.18 11.15 16.63
N THR B 13 8.48 11.25 15.34
CA THR B 13 7.81 12.23 14.49
C THR B 13 6.55 11.67 13.83
N GLU B 14 5.77 12.59 13.27
CA GLU B 14 4.50 12.33 12.61
C GLU B 14 4.60 11.45 11.36
N THR B 15 5.80 11.32 10.79
CA THR B 15 6.02 10.50 9.61
C THR B 15 6.64 9.15 9.97
N LEU B 16 6.59 8.83 11.27
CA LEU B 16 7.24 7.64 11.84
C LEU B 16 8.75 7.59 11.65
N THR B 17 9.39 8.76 11.53
CA THR B 17 10.81 8.84 11.76
C THR B 17 10.97 9.02 13.26
N PHE B 18 12.17 8.74 13.77
CA PHE B 18 12.42 8.80 15.21
C PHE B 18 13.84 9.25 15.50
N PHE B 19 14.01 9.94 16.63
CA PHE B 19 15.34 10.33 17.11
C PHE B 19 15.80 9.36 18.19
N ALA B 20 17.07 8.97 18.15
CA ALA B 20 17.64 8.08 19.15
C ALA B 20 19.00 8.56 19.67
N GLN B 21 19.26 8.29 20.94
CA GLN B 21 20.55 8.55 21.57
C GLN B 21 21.29 7.24 21.75
N SER B 22 22.61 7.28 21.72
CA SER B 22 23.40 6.10 22.01
CA SER B 22 23.44 6.11 22.01
C SER B 22 23.56 5.93 23.52
N VAL B 23 23.34 4.70 23.99
CA VAL B 23 23.44 4.38 25.41
C VAL B 23 24.82 4.75 25.97
N GLU B 24 25.89 4.35 25.28
CA GLU B 24 27.26 4.61 25.72
C GLU B 24 27.57 6.10 25.92
N SER B 25 26.91 6.95 25.12
CA SER B 25 27.10 8.39 25.21
C SER B 25 26.20 9.07 26.24
N GLY B 26 25.44 8.26 26.99
CA GLY B 26 24.53 8.75 28.02
C GLY B 26 25.21 9.61 29.06
N SER B 27 26.39 9.19 29.50
CA SER B 27 27.18 9.93 30.47
C SER B 27 27.79 11.21 29.90
N LYS B 28 28.16 11.20 28.62
CA LYS B 28 28.69 12.40 27.94
C LYS B 28 27.64 13.49 27.92
N LEU B 29 26.40 13.14 27.60
CA LEU B 29 25.28 14.07 27.62
C LEU B 29 24.96 14.52 29.05
N GLU B 30 24.96 13.57 29.98
CA GLU B 30 24.75 13.86 31.40
C GLU B 30 25.76 14.88 31.91
N SER B 31 27.03 14.69 31.55
CA SER B 31 28.12 15.57 31.95
C SER B 31 28.07 16.93 31.24
N LEU B 32 27.67 16.93 29.96
CA LEU B 32 27.46 18.18 29.22
C LEU B 32 26.36 19.00 29.86
N MET B 33 25.20 18.38 30.09
CA MET B 33 24.03 19.06 30.65
C MET B 33 24.27 19.54 32.07
N SER B 34 25.07 18.78 32.82
CA SER B 34 25.44 19.13 34.19
C SER B 34 26.32 20.38 34.20
N LYS B 35 27.42 20.34 33.45
CA LYS B 35 28.42 21.41 33.49
C LYS B 35 28.03 22.64 32.65
N LEU B 36 26.89 22.56 31.97
CA LEU B 36 26.34 23.69 31.22
C LEU B 36 25.32 24.43 32.09
N HIS B 37 24.63 23.66 32.94
CA HIS B 37 23.78 24.21 34.00
C HIS B 37 24.62 25.05 34.96
N ALA B 38 25.82 24.56 35.27
CA ALA B 38 26.74 25.20 36.22
C ALA B 38 27.54 26.35 35.60
N ASP B 39 27.77 26.28 34.29
CA ASP B 39 28.37 27.39 33.55
C ASP B 39 27.36 28.54 33.46
N PHE B 40 26.09 28.23 33.39
CA PHE B 40 25.07 29.22 33.24
C PHE B 40 24.54 29.70 34.56
N GLN B 41 24.98 29.08 35.67
CA GLN B 41 24.67 29.55 37.03
C GLN B 41 25.68 30.60 37.46
N SER B 42 26.95 30.21 37.39
CA SER B 42 28.08 31.03 37.79
C SER B 42 28.24 32.25 36.88
N ASN B 43 27.90 32.07 35.61
CA ASN B 43 27.89 33.16 34.64
C ASN B 43 26.58 33.22 33.85
N PRO B 44 25.56 33.82 34.44
CA PRO B 44 24.29 33.94 33.77
C PRO B 44 24.41 34.71 32.49
N PRO B 45 23.61 34.35 31.49
CA PRO B 45 23.71 35.02 30.20
C PRO B 45 22.90 36.28 30.19
N ILE B 46 23.58 37.38 29.96
CA ILE B 46 22.96 38.71 30.00
C ILE B 46 22.00 38.90 28.84
N ALA B 47 20.79 39.36 29.15
CA ALA B 47 19.73 39.57 28.16
C ALA B 47 20.09 40.66 27.16
N GLY B 48 20.00 40.32 25.87
CA GLY B 48 20.29 41.25 24.79
C GLY B 48 21.59 40.96 24.07
N SER B 49 22.52 40.27 24.71
CA SER B 49 23.86 39.98 24.16
C SER B 49 24.01 39.01 22.94
N TYR B 50 23.15 38.01 22.91
CA TYR B 50 22.91 37.21 21.72
C TYR B 50 21.77 37.75 20.89
N THR B 51 22.09 37.97 19.64
CA THR B 51 21.20 38.32 18.54
C THR B 51 20.82 37.05 17.77
N PRO B 52 19.52 36.68 17.79
CA PRO B 52 19.05 35.47 17.11
C PRO B 52 19.32 35.47 15.61
N LYS B 53 19.70 34.31 15.10
CA LYS B 53 19.99 34.11 13.68
C LYS B 53 19.65 32.67 13.32
N ARG B 54 18.89 32.49 12.24
CA ARG B 54 18.55 31.14 11.77
C ARG B 54 19.83 30.37 11.41
N GLY B 55 19.87 29.11 11.81
CA GLY B 55 21.05 28.27 11.59
C GLY B 55 21.99 28.19 12.78
N ASP B 56 21.91 29.19 13.66
CA ASP B 56 22.77 29.26 14.84
C ASP B 56 22.53 28.12 15.83
N LEU B 57 23.63 27.53 16.29
CA LEU B 57 23.60 26.64 17.45
C LEU B 57 23.74 27.49 18.69
N VAL B 58 22.77 27.34 19.58
CA VAL B 58 22.62 28.24 20.72
C VAL B 58 22.22 27.48 21.98
N ALA B 59 21.89 28.23 23.02
CA ALA B 59 21.30 27.67 24.23
C ALA B 59 19.84 28.11 24.32
N ALA B 60 18.96 27.16 24.60
CA ALA B 60 17.53 27.45 24.73
C ALA B 60 16.98 26.94 26.07
N GLN B 61 16.25 27.82 26.77
CA GLN B 61 15.65 27.44 28.04
C GLN B 61 14.28 26.79 27.78
N PHE B 62 14.28 25.46 27.79
CA PHE B 62 13.11 24.63 27.51
C PHE B 62 11.94 24.99 28.42
N THR B 63 10.78 25.26 27.81
CA THR B 63 9.58 25.71 28.53
C THR B 63 9.16 24.81 29.70
N LEU B 64 9.26 23.50 29.51
CA LEU B 64 8.74 22.53 30.48
C LEU B 64 9.49 22.51 31.82
N ASP B 65 10.82 22.50 31.77
CA ASP B 65 11.64 22.36 32.98
C ASP B 65 12.48 23.58 33.34
N ASN B 66 12.51 24.56 32.44
CA ASN B 66 13.33 25.77 32.59
C ASN B 66 14.84 25.52 32.66
N GLN B 67 15.26 24.35 32.18
CA GLN B 67 16.70 24.05 32.09
C GLN B 67 17.23 24.48 30.74
N TRP B 68 18.56 24.55 30.63
CA TRP B 68 19.22 24.98 29.40
C TRP B 68 19.65 23.81 28.54
N TYR B 69 19.27 23.86 27.28
CA TYR B 69 19.54 22.82 26.31
C TYR B 69 20.27 23.39 25.11
N ARG B 70 21.04 22.55 24.42
CA ARG B 70 21.59 22.91 23.12
C ARG B 70 20.48 22.87 22.08
N ALA B 71 20.40 23.91 21.25
CA ALA B 71 19.35 24.00 20.24
C ALA B 71 19.82 24.57 18.90
N LYS B 72 19.08 24.25 17.85
CA LYS B 72 19.22 24.90 16.57
C LYS B 72 18.01 25.79 16.34
N VAL B 73 18.30 27.05 16.04
CA VAL B 73 17.28 27.97 15.60
C VAL B 73 16.93 27.57 14.18
N GLU B 74 15.66 27.24 13.97
CA GLU B 74 15.17 27.14 12.62
C GLU B 74 14.65 28.53 12.26
N ARG B 75 13.38 28.68 11.90
N ARG B 75 13.38 28.68 11.90
CA ARG B 75 12.88 29.99 11.50
CA ARG B 75 12.88 30.00 11.49
C ARG B 75 12.65 30.95 12.67
C ARG B 75 12.64 30.96 12.66
N VAL B 76 13.28 32.12 12.58
CA VAL B 76 13.05 33.20 13.54
C VAL B 76 11.87 34.02 13.04
N GLN B 77 10.84 34.12 13.87
CA GLN B 77 9.65 34.88 13.55
C GLN B 77 9.46 36.00 14.58
N GLY B 78 10.13 37.13 14.33
CA GLY B 78 10.04 38.30 15.21
C GLY B 78 10.70 38.07 16.55
N SER B 79 9.88 38.03 17.60
CA SER B 79 10.37 37.77 18.95
C SER B 79 10.38 36.28 19.29
N ASN B 80 9.74 35.48 18.45
CA ASN B 80 9.71 34.03 18.62
C ASN B 80 10.61 33.31 17.62
N ALA B 81 11.01 32.09 18.00
CA ALA B 81 11.79 31.23 17.12
C ALA B 81 11.44 29.76 17.38
N THR B 82 11.37 28.99 16.31
CA THR B 82 11.23 27.55 16.40
C THR B 82 12.64 26.95 16.53
N VAL B 83 12.82 26.13 17.56
CA VAL B 83 14.11 25.49 17.83
C VAL B 83 14.01 23.97 17.83
N LEU B 84 15.07 23.31 17.41
CA LEU B 84 15.20 21.87 17.55
C LEU B 84 16.18 21.56 18.67
N TYR B 85 15.74 20.74 19.62
CA TYR B 85 16.62 20.33 20.72
C TYR B 85 17.51 19.19 20.24
N ILE B 86 18.71 19.55 19.80
CA ILE B 86 19.57 18.67 19.01
C ILE B 86 20.04 17.40 19.72
N ASP B 87 19.97 17.39 21.05
CA ASP B 87 20.39 16.24 21.83
C ASP B 87 19.22 15.33 22.22
N TYR B 88 18.00 15.74 21.86
CA TYR B 88 16.80 14.97 22.20
C TYR B 88 15.89 14.70 21.00
N GLY B 89 15.65 15.72 20.18
CA GLY B 89 14.87 15.54 18.95
C GLY B 89 13.56 16.31 18.91
N ASN B 90 13.10 16.79 20.06
CA ASN B 90 11.87 17.57 20.12
C ASN B 90 12.05 19.02 19.64
N LYS B 91 10.95 19.58 19.15
CA LYS B 91 10.89 20.96 18.66
C LYS B 91 9.79 21.73 19.38
N GLU B 92 10.01 23.03 19.51
CA GLU B 92 8.98 23.96 20.01
C GLU B 92 9.22 25.39 19.54
N THR B 93 8.15 26.19 19.54
CA THR B 93 8.24 27.63 19.29
C THR B 93 8.32 28.35 20.63
N LEU B 94 9.35 29.19 20.76
CA LEU B 94 9.79 29.74 22.03
C LEU B 94 10.16 31.22 21.80
N PRO B 95 9.93 32.09 22.82
CA PRO B 95 10.36 33.49 22.68
C PRO B 95 11.88 33.59 22.76
N THR B 96 12.47 34.58 22.06
CA THR B 96 13.93 34.71 22.00
C THR B 96 14.56 35.23 23.29
N ASN B 97 13.69 35.61 24.24
CA ASN B 97 14.03 35.72 25.65
C ASN B 97 15.07 34.70 26.07
N ARG B 98 14.82 33.48 25.62
CA ARG B 98 15.33 32.27 26.25
C ARG B 98 16.40 31.60 25.38
N LEU B 99 16.89 32.36 24.41
CA LEU B 99 18.01 31.93 23.57
C LEU B 99 19.29 32.67 23.98
N ALA B 100 20.40 31.95 24.00
CA ALA B 100 21.70 32.51 24.43
C ALA B 100 22.87 31.85 23.70
N ALA B 101 24.08 32.37 23.92
CA ALA B 101 25.28 31.85 23.27
C ALA B 101 25.87 30.63 23.99
N LEU B 102 26.23 29.64 23.18
CA LEU B 102 26.65 28.35 23.64
C LEU B 102 28.17 28.37 23.67
N PRO B 103 28.75 28.48 24.89
CA PRO B 103 30.20 28.49 25.13
C PRO B 103 30.95 27.46 24.31
N PRO B 104 32.03 27.90 23.63
CA PRO B 104 32.88 27.07 22.79
C PRO B 104 33.10 25.65 23.32
N ALA B 105 33.17 25.52 24.65
CA ALA B 105 33.31 24.22 25.32
C ALA B 105 32.14 23.27 25.07
N PHE B 106 31.11 23.74 24.37
CA PHE B 106 29.91 22.92 24.11
C PHE B 106 29.51 22.81 22.63
N SER B 107 30.02 23.71 21.79
CA SER B 107 29.56 23.82 20.40
C SER B 107 30.18 22.83 19.43
N SER B 108 31.17 22.08 19.92
CA SER B 108 31.97 21.19 19.09
C SER B 108 31.46 19.75 19.09
N GLU B 109 30.74 19.39 20.15
CA GLU B 109 30.21 18.05 20.32
C GLU B 109 29.10 17.76 19.33
N LYS B 110 29.19 16.61 18.67
CA LYS B 110 28.15 16.14 17.75
C LYS B 110 26.82 16.01 18.50
N PRO B 111 25.70 16.39 17.86
CA PRO B 111 24.38 16.24 18.48
C PRO B 111 24.17 14.82 19.00
N TYR B 112 23.63 14.70 20.22
CA TYR B 112 23.49 13.40 20.88
C TYR B 112 22.27 12.58 20.45
N ALA B 113 21.38 13.19 19.68
CA ALA B 113 20.25 12.48 19.09
C ALA B 113 20.32 12.51 17.57
N THR B 114 20.10 11.35 16.95
CA THR B 114 20.16 11.19 15.51
C THR B 114 18.81 10.69 15.00
N GLU B 115 18.35 11.25 13.89
CA GLU B 115 17.08 10.86 13.29
C GLU B 115 17.24 9.68 12.32
N TYR B 116 16.32 8.72 12.43
CA TYR B 116 16.30 7.54 11.57
C TYR B 116 14.91 7.31 10.98
N ALA B 117 14.86 6.62 9.84
CA ALA B 117 13.60 6.16 9.27
C ALA B 117 13.35 4.72 9.70
N LEU B 118 12.12 4.43 10.11
CA LEU B 118 11.73 3.07 10.49
C LEU B 118 11.67 2.20 9.23
N ALA B 119 12.65 1.30 9.11
CA ALA B 119 12.88 0.52 7.89
C ALA B 119 11.63 -0.17 7.32
N LEU B 120 11.36 0.08 6.04
CA LEU B 120 10.30 -0.58 5.27
C LEU B 120 8.85 -0.22 5.66
N VAL B 121 8.68 0.57 6.71
CA VAL B 121 7.34 0.89 7.21
C VAL B 121 6.70 2.04 6.43
N ALA B 122 5.45 1.84 6.01
CA ALA B 122 4.65 2.88 5.37
C ALA B 122 3.31 3.06 6.09
N LEU B 123 2.98 4.31 6.41
CA LEU B 123 1.73 4.65 7.09
C LEU B 123 0.52 4.33 6.19
N PRO B 124 -0.61 3.94 6.80
CA PRO B 124 -1.82 3.74 6.00
C PRO B 124 -2.37 5.08 5.48
N THR B 125 -3.35 5.02 4.59
CA THR B 125 -3.89 6.22 3.95
C THR B 125 -4.59 7.16 4.93
N ASP B 126 -5.52 6.60 5.71
CA ASP B 126 -6.42 7.40 6.55
C ASP B 126 -5.73 8.01 7.77
N ASN B 127 -6.08 9.27 8.05
CA ASN B 127 -5.55 10.04 9.17
C ASN B 127 -5.75 9.38 10.53
N GLU B 128 -6.90 8.72 10.69
CA GLU B 128 -7.23 7.98 11.91
C GLU B 128 -6.27 6.81 12.15
N ASP B 129 -5.88 6.13 11.07
CA ASP B 129 -4.95 5.01 11.15
C ASP B 129 -3.51 5.46 11.35
N LYS B 130 -3.16 6.59 10.74
CA LYS B 130 -1.87 7.26 10.98
C LYS B 130 -1.72 7.54 12.49
N GLU B 131 -2.76 8.11 13.07
CA GLU B 131 -2.82 8.42 14.51
C GLU B 131 -2.59 7.18 15.37
N GLU B 132 -3.25 6.08 15.02
CA GLU B 132 -3.13 4.83 15.78
C GLU B 132 -1.73 4.21 15.66
N ALA B 133 -1.14 4.27 14.46
CA ALA B 133 0.20 3.73 14.22
C ALA B 133 1.25 4.46 15.07
N LEU B 134 1.15 5.79 15.12
CA LEU B 134 2.03 6.62 15.94
C LEU B 134 1.92 6.33 17.43
N ARG B 135 0.68 6.18 17.91
CA ARG B 135 0.40 5.87 19.32
C ARG B 135 1.00 4.54 19.74
N ALA B 136 0.78 3.51 18.91
CA ALA B 136 1.28 2.16 19.17
C ALA B 136 2.80 2.10 19.19
N PHE B 137 3.44 2.74 18.22
CA PHE B 137 4.91 2.77 18.10
C PHE B 137 5.55 3.52 19.28
N SER B 138 4.94 4.62 19.69
CA SER B 138 5.38 5.37 20.87
CA SER B 138 5.39 5.37 20.87
C SER B 138 5.27 4.53 22.14
N GLU B 139 4.16 3.82 22.26
CA GLU B 139 3.94 2.90 23.39
C GLU B 139 5.01 1.82 23.41
N ASP B 140 5.42 1.37 22.22
CA ASP B 140 6.36 0.28 22.08
C ASP B 140 7.82 0.67 22.33
N VAL B 141 8.23 1.86 21.88
CA VAL B 141 9.67 2.23 21.89
C VAL B 141 10.09 3.56 22.55
N LEU B 142 9.17 4.49 22.80
CA LEU B 142 9.56 5.78 23.35
C LEU B 142 10.13 5.62 24.75
N ASN B 143 11.34 6.16 24.95
CA ASN B 143 12.08 6.07 26.21
C ASN B 143 12.57 4.66 26.56
N HIS B 144 12.49 3.74 25.61
CA HIS B 144 12.94 2.37 25.83
C HIS B 144 14.38 2.18 25.34
N LYS B 145 15.11 1.31 26.02
CA LYS B 145 16.39 0.83 25.51
C LYS B 145 16.11 -0.26 24.48
N VAL B 146 16.58 -0.04 23.25
CA VAL B 146 16.35 -0.96 22.14
C VAL B 146 17.65 -1.20 21.36
N GLN B 147 17.64 -2.19 20.47
CA GLN B 147 18.79 -2.46 19.61
C GLN B 147 18.55 -1.96 18.19
N LEU B 148 19.35 -0.98 17.77
CA LEU B 148 19.22 -0.36 16.46
C LEU B 148 20.20 -0.95 15.45
N ASN B 149 19.70 -1.29 14.27
CA ASN B 149 20.55 -1.64 13.14
C ASN B 149 20.20 -0.82 11.91
N VAL B 150 21.21 -0.16 11.34
CA VAL B 150 21.05 0.59 10.10
C VAL B 150 21.01 -0.38 8.93
N GLU B 151 19.87 -0.43 8.24
CA GLU B 151 19.65 -1.37 7.13
C GLU B 151 20.08 -0.80 5.79
N LEU B 152 19.89 0.50 5.61
CA LEU B 152 20.30 1.19 4.38
C LEU B 152 20.61 2.66 4.63
N LYS B 153 21.81 3.08 4.22
CA LYS B 153 22.22 4.47 4.29
C LYS B 153 21.62 5.27 3.13
N VAL B 154 20.96 6.37 3.46
CA VAL B 154 20.34 7.23 2.46
C VAL B 154 20.99 8.62 2.50
N THR B 155 21.59 9.00 1.38
CA THR B 155 22.15 10.35 1.22
C THR B 155 21.01 11.33 1.05
N GLY B 156 20.95 12.33 1.92
CA GLY B 156 19.89 13.33 1.83
C GLY B 156 18.85 13.25 2.93
N SER B 157 18.42 12.03 3.26
CA SER B 157 17.44 11.85 4.34
C SER B 157 17.94 10.85 5.41
N PRO B 158 17.19 10.71 6.53
CA PRO B 158 17.55 9.74 7.58
C PRO B 158 17.73 8.33 7.04
N ASN B 159 18.73 7.61 7.59
CA ASN B 159 19.00 6.23 7.20
C ASN B 159 17.88 5.30 7.66
N LEU B 160 17.68 4.21 6.92
CA LEU B 160 16.72 3.18 7.30
C LEU B 160 17.29 2.33 8.43
N ALA B 161 16.51 2.16 9.49
CA ALA B 161 16.96 1.39 10.66
C ALA B 161 15.85 0.54 11.25
N THR B 162 16.19 -0.71 11.61
CA THR B 162 15.29 -1.56 12.38
C THR B 162 15.54 -1.39 13.87
N LEU B 163 14.48 -1.55 14.66
CA LEU B 163 14.58 -1.56 16.11
C LEU B 163 14.15 -2.92 16.65
N ARG B 164 14.88 -3.44 17.62
CA ARG B 164 14.57 -4.73 18.24
C ARG B 164 14.66 -4.66 19.76
N ASP B 165 13.79 -5.41 20.44
CA ASP B 165 13.83 -5.52 21.90
C ASP B 165 15.06 -6.32 22.33
N PRO B 166 15.87 -5.77 23.26
CA PRO B 166 17.12 -6.41 23.68
C PRO B 166 16.94 -7.77 24.36
N THR B 167 15.76 -8.01 24.93
CA THR B 167 15.46 -9.28 25.60
C THR B 167 14.84 -10.30 24.63
N THR B 168 13.70 -9.94 24.03
CA THR B 168 12.93 -10.88 23.19
C THR B 168 13.36 -10.91 21.72
N LYS B 169 14.07 -9.87 21.27
CA LYS B 169 14.51 -9.74 19.88
C LYS B 169 13.36 -9.48 18.89
N VAL B 170 12.21 -9.04 19.41
CA VAL B 170 11.08 -8.67 18.56
C VAL B 170 11.36 -7.38 17.79
N ASP B 171 11.21 -7.45 16.46
CA ASP B 171 11.37 -6.31 15.56
C ASP B 171 10.13 -5.42 15.67
N PHE B 172 10.33 -4.19 16.15
CA PHE B 172 9.22 -3.27 16.44
C PHE B 172 8.44 -2.81 15.20
N GLY B 173 9.17 -2.46 14.14
CA GLY B 173 8.55 -2.11 12.85
C GLY B 173 7.76 -3.26 12.24
N LYS B 174 8.30 -4.47 12.31
CA LYS B 174 7.63 -5.66 11.79
C LYS B 174 6.38 -6.03 12.59
N GLN B 175 6.46 -5.82 13.91
CA GLN B 175 5.33 -6.00 14.82
C GLN B 175 4.11 -5.16 14.42
N LEU B 176 4.35 -3.91 14.05
CA LEU B 176 3.29 -3.00 13.56
C LEU B 176 2.64 -3.52 12.27
N VAL B 177 3.44 -4.09 11.39
CA VAL B 177 2.96 -4.71 10.15
C VAL B 177 2.08 -5.94 10.45
N ALA B 178 2.54 -6.75 11.40
CA ALA B 178 1.86 -7.98 11.80
C ALA B 178 0.55 -7.71 12.55
N GLU B 179 0.42 -6.51 13.10
CA GLU B 179 -0.77 -6.09 13.84
C GLU B 179 -1.81 -5.41 12.93
N GLY B 180 -1.45 -5.25 11.65
CA GLY B 180 -2.32 -4.60 10.67
C GLY B 180 -2.42 -3.09 10.84
N LEU B 181 -1.42 -2.49 11.48
CA LEU B 181 -1.44 -1.06 11.77
C LEU B 181 -0.72 -0.22 10.73
N VAL B 182 0.26 -0.83 10.06
CA VAL B 182 0.98 -0.20 8.95
C VAL B 182 1.18 -1.17 7.77
N LEU B 183 1.67 -0.65 6.65
CA LEU B 183 1.99 -1.44 5.48
C LEU B 183 3.51 -1.62 5.36
N ALA B 184 3.93 -2.67 4.66
CA ALA B 184 5.34 -2.91 4.38
C ALA B 184 5.67 -2.45 2.97
N GLU B 185 6.86 -1.86 2.80
CA GLU B 185 7.33 -1.42 1.49
C GLU B 185 7.88 -2.58 0.68
N GLN B 186 7.59 -2.57 -0.62
CA GLN B 186 8.24 -3.47 -1.57
C GLN B 186 9.34 -2.68 -2.30
N ARG B 187 10.58 -3.06 -2.04
CA ARG B 187 11.76 -2.35 -2.57
C ARG B 187 12.72 -3.29 -3.28
N GLY B 188 13.58 -2.72 -4.13
CA GLY B 188 14.44 -3.50 -5.01
C GLY B 188 15.92 -3.64 -4.67
N GLU B 189 16.40 -2.87 -3.68
CA GLU B 189 17.78 -3.01 -3.23
C GLU B 189 17.98 -4.41 -2.66
N ARG B 190 19.12 -5.02 -2.94
CA ARG B 190 19.39 -6.39 -2.53
C ARG B 190 20.07 -6.46 -1.16
N LYS B 191 20.35 -5.28 -0.60
CA LYS B 191 20.65 -5.18 0.83
C LYS B 191 19.39 -5.33 1.67
N LEU B 192 18.24 -5.09 1.05
CA LEU B 192 16.94 -5.17 1.74
C LEU B 192 16.08 -6.39 1.40
N LYS B 193 16.53 -7.19 0.42
CA LYS B 193 15.75 -8.31 -0.15
C LYS B 193 15.10 -9.25 0.87
N GLU B 194 15.90 -9.82 1.77
CA GLU B 194 15.39 -10.76 2.78
C GLU B 194 14.38 -10.12 3.73
N LEU B 195 14.70 -8.90 4.18
CA LEU B 195 13.80 -8.13 5.06
C LEU B 195 12.50 -7.75 4.35
N VAL B 196 12.59 -7.44 3.06
CA VAL B 196 11.41 -7.14 2.23
C VAL B 196 10.47 -8.33 2.13
N ASP B 197 11.04 -9.51 1.86
CA ASP B 197 10.28 -10.76 1.79
C ASP B 197 9.66 -11.11 3.14
N GLN B 198 10.44 -10.92 4.20
CA GLN B 198 9.99 -11.17 5.57
C GLN B 198 8.84 -10.27 6.03
N TYR B 199 8.93 -8.97 5.72
CA TYR B 199 7.85 -8.03 6.05
C TYR B 199 6.61 -8.29 5.19
N LYS B 200 6.82 -8.74 3.96
CA LYS B 200 5.73 -9.11 3.05
C LYS B 200 4.89 -10.27 3.62
N ALA B 201 5.58 -11.24 4.22
CA ALA B 201 4.92 -12.38 4.85
C ALA B 201 4.14 -11.96 6.10
N ALA B 202 4.71 -11.02 6.87
CA ALA B 202 4.03 -10.45 8.04
C ALA B 202 2.74 -9.75 7.65
N GLN B 203 2.79 -8.96 6.58
CA GLN B 203 1.62 -8.24 6.05
C GLN B 203 0.54 -9.17 5.51
N GLU B 204 0.97 -10.20 4.77
CA GLU B 204 0.06 -11.22 4.25
C GLU B 204 -0.76 -11.86 5.36
N ALA B 205 -0.08 -12.24 6.44
CA ALA B 205 -0.71 -12.87 7.59
C ALA B 205 -1.70 -11.94 8.30
N ALA B 206 -1.41 -10.63 8.28
CA ALA B 206 -2.33 -9.62 8.81
C ALA B 206 -3.55 -9.45 7.90
N ARG B 207 -3.30 -9.46 6.59
CA ARG B 207 -4.37 -9.33 5.60
C ARG B 207 -5.39 -10.47 5.70
N VAL B 208 -4.91 -11.71 5.72
CA VAL B 208 -5.76 -12.90 5.82
C VAL B 208 -6.54 -12.94 7.15
N ALA B 209 -5.91 -12.41 8.20
CA ALA B 209 -6.53 -12.38 9.53
C ALA B 209 -7.50 -11.20 9.73
N HIS B 210 -7.61 -10.34 8.70
CA HIS B 210 -8.49 -9.16 8.74
C HIS B 210 -8.23 -8.25 9.95
N LEU B 211 -6.96 -7.94 10.18
CA LEU B 211 -6.55 -7.15 11.34
C LEU B 211 -6.50 -5.66 11.05
N ALA B 212 -7.11 -4.88 11.94
CA ALA B 212 -7.09 -3.41 11.90
C ALA B 212 -7.45 -2.81 10.54
N ILE B 213 -6.46 -2.23 9.84
CA ILE B 213 -6.71 -1.61 8.52
C ILE B 213 -7.26 -2.60 7.49
N TRP B 214 -7.09 -3.90 7.75
CA TRP B 214 -7.58 -4.95 6.88
C TRP B 214 -8.99 -5.42 7.23
N LYS B 215 -9.56 -4.87 8.30
CA LYS B 215 -10.88 -5.30 8.80
C LYS B 215 -11.96 -5.26 7.74
#